data_6Y1K
#
_entry.id   6Y1K
#
_cell.length_a   52.722
_cell.length_b   66.887
_cell.length_c   66.950
_cell.angle_alpha   90.00
_cell.angle_beta   107.65
_cell.angle_gamma   90.00
#
_symmetry.space_group_name_H-M   'P 1 21 1'
#
loop_
_entity.id
_entity.type
_entity.pdbx_description
1 polymer 'FAB A.17 L47R mutant Heavy Chain'
2 polymer 'FAB A.17 L47R mutant Light Chain'
3 water water
#
loop_
_entity_poly.entity_id
_entity_poly.type
_entity_poly.pdbx_seq_one_letter_code
_entity_poly.pdbx_strand_id
1 'polypeptide(L)'
;QVQLQESGPGLVKPSETLSLTCAVSGYSISSGYYWGWIRQPPGKGLEWIGSIYHSGSTYYNPSLKSRVTISVDTSKNQFS
LKLSSVTAADTAVYYCAGLTQSSHNDANWGQGTLVTVSSASTKGPSVFPLAPSSKSTSGGTAALGCLVKDYFPEPVTVSW
NSGALTSGVHTFPAVLQSSGLYSLSSVVTVPSSSLGTQTYICNVNHKPSNTKVDKKVEPKSCLAMDYKDHDGDYKDHDID
YKDDDDKVDHHHHHH
;
H
2 'polypeptide(L)'
;QSVLTQPPSVSAAPGQKVTISCSGSSSNIGNNYVSWYQQLPGTAPKRLIYDNNKRPSGIPDRFSGSKSGTSATLGITGLQ
TGDEADYYCGTWDSSLNPVFGGGTKLEIKRTVAAPSVFIFPPSDEQLKSGTASVVCLLNNFYPREAKVQWKVDNALQSGN
SQESVTEQDSKDSTYSLSSTLTLSKADYEKHKVYACEVTHQGLSSPVTKSFNRGECIDAAAAASFLEQKLISEEDLNSAV
DHHHHHH
;
L
#
# COMPACT_ATOMS: atom_id res chain seq x y z
N VAL A 2 -20.59 3.22 -13.87
CA VAL A 2 -20.18 1.84 -14.11
C VAL A 2 -19.04 1.45 -13.15
N GLN A 3 -19.19 0.27 -12.54
CA GLN A 3 -18.41 -0.12 -11.37
C GLN A 3 -18.04 -1.60 -11.40
N LEU A 4 -16.74 -1.90 -11.31
CA LEU A 4 -16.30 -3.29 -11.28
C LEU A 4 -15.83 -3.67 -9.87
N GLN A 5 -16.16 -4.88 -9.44
CA GLN A 5 -15.81 -5.32 -8.09
C GLN A 5 -15.35 -6.78 -8.06
N GLU A 6 -14.07 -6.99 -7.75
CA GLU A 6 -13.54 -8.34 -7.60
C GLU A 6 -14.01 -8.97 -6.30
N SER A 7 -14.21 -10.28 -6.32
CA SER A 7 -14.52 -11.04 -5.12
C SER A 7 -13.90 -12.42 -5.22
N GLY A 8 -13.54 -13.00 -4.08
CA GLY A 8 -12.92 -14.31 -4.05
C GLY A 8 -11.97 -14.39 -2.88
N PRO A 9 -11.46 -15.60 -2.61
CA PRO A 9 -10.60 -15.86 -1.46
C PRO A 9 -9.27 -15.11 -1.54
N GLY A 10 -8.79 -14.63 -0.40
CA GLY A 10 -7.52 -13.94 -0.34
C GLY A 10 -6.38 -14.90 -0.05
N LEU A 11 -6.74 -16.14 0.29
CA LEU A 11 -5.74 -17.17 0.58
C LEU A 11 -6.06 -18.43 -0.23
N VAL A 12 -5.08 -18.95 -0.95
CA VAL A 12 -5.22 -20.17 -1.73
C VAL A 12 -4.02 -21.08 -1.47
N LYS A 13 -4.27 -22.38 -1.28
CA LYS A 13 -3.19 -23.33 -1.03
C LYS A 13 -2.52 -23.72 -2.34
N PRO A 14 -1.19 -23.96 -2.29
CA PRO A 14 -0.45 -24.41 -3.47
C PRO A 14 -1.08 -25.63 -4.13
N SER A 15 -0.96 -25.70 -5.46
CA SER A 15 -1.51 -26.77 -6.31
C SER A 15 -3.03 -26.66 -6.48
N GLU A 16 -3.69 -25.79 -5.72
CA GLU A 16 -5.13 -25.63 -5.89
C GLU A 16 -5.47 -24.55 -6.92
N THR A 17 -6.76 -24.29 -7.11
CA THR A 17 -7.20 -23.39 -8.16
C THR A 17 -7.69 -22.07 -7.59
N LEU A 18 -7.18 -20.97 -8.14
CA LEU A 18 -7.61 -19.63 -7.80
C LEU A 18 -8.86 -19.28 -8.60
N SER A 19 -9.91 -18.88 -7.91
CA SER A 19 -11.14 -18.44 -8.57
C SER A 19 -11.51 -17.05 -8.12
N LEU A 20 -11.67 -16.15 -9.07
CA LEU A 20 -12.11 -14.79 -8.79
C LEU A 20 -13.30 -14.46 -9.68
N THR A 21 -14.18 -13.60 -9.18
CA THR A 21 -15.27 -13.10 -10.01
C THR A 21 -15.25 -11.58 -9.99
N CYS A 22 -15.67 -11.00 -11.11
CA CYS A 22 -15.81 -9.56 -11.21
C CYS A 22 -17.27 -9.23 -11.46
N ALA A 23 -17.90 -8.60 -10.48
CA ALA A 23 -19.29 -8.18 -10.64
C ALA A 23 -19.31 -6.81 -11.32
N VAL A 24 -20.03 -6.71 -12.43
CA VAL A 24 -20.11 -5.45 -13.16
C VAL A 24 -21.45 -4.76 -12.92
N SER A 25 -21.38 -3.53 -12.41
CA SER A 25 -22.58 -2.74 -12.14
C SER A 25 -22.65 -1.54 -13.08
N GLY A 26 -23.85 -1.23 -13.55
CA GLY A 26 -24.07 -0.04 -14.34
C GLY A 26 -23.84 -0.19 -15.83
N TYR A 27 -23.59 -1.42 -16.28
CA TYR A 27 -23.35 -1.68 -17.69
C TYR A 27 -23.50 -3.17 -18.00
N SER A 28 -24.08 -3.47 -19.16
CA SER A 28 -24.29 -4.85 -19.58
C SER A 28 -22.97 -5.54 -19.90
N ILE A 29 -22.86 -6.80 -19.50
CA ILE A 29 -21.65 -7.58 -19.73
C ILE A 29 -21.53 -7.96 -21.21
N SER A 30 -22.65 -7.97 -21.92
CA SER A 30 -22.66 -8.37 -23.32
C SER A 30 -22.48 -7.17 -24.25
N SER A 31 -22.09 -6.03 -23.68
CA SER A 31 -21.87 -4.82 -24.46
C SER A 31 -20.44 -4.31 -24.29
N GLY A 32 -19.56 -5.16 -23.80
CA GLY A 32 -18.18 -4.78 -23.57
C GLY A 32 -17.27 -5.05 -24.75
N TYR A 33 -16.39 -4.10 -25.04
CA TYR A 33 -15.31 -4.30 -25.99
C TYR A 33 -14.43 -5.47 -25.55
N TYR A 34 -14.04 -5.46 -24.28
CA TYR A 34 -13.35 -6.58 -23.68
C TYR A 34 -13.54 -6.57 -22.18
N TRP A 35 -13.43 -7.73 -21.56
CA TRP A 35 -13.31 -7.83 -20.10
C TRP A 35 -12.04 -8.63 -19.84
N GLY A 36 -11.28 -8.27 -18.81
CA GLY A 36 -10.02 -8.95 -18.64
C GLY A 36 -9.46 -8.91 -17.23
N TRP A 37 -8.31 -9.54 -17.08
CA TRP A 37 -7.63 -9.60 -15.79
C TRP A 37 -6.17 -9.23 -15.91
N ILE A 38 -5.70 -8.42 -14.97
N ILE A 38 -5.73 -8.41 -14.96
CA ILE A 38 -4.29 -8.04 -14.90
CA ILE A 38 -4.35 -7.99 -14.83
C ILE A 38 -3.84 -8.16 -13.45
C ILE A 38 -3.90 -8.32 -13.41
N ARG A 39 -2.63 -8.68 -13.23
CA ARG A 39 -2.14 -8.85 -11.86
C ARG A 39 -0.83 -8.12 -11.60
N GLN A 40 -0.57 -7.91 -10.32
CA GLN A 40 0.55 -7.11 -9.89
C GLN A 40 1.13 -7.72 -8.62
N PRO A 41 2.21 -8.50 -8.75
CA PRO A 41 2.86 -9.04 -7.56
C PRO A 41 3.31 -7.90 -6.67
N PRO A 42 3.29 -8.11 -5.34
CA PRO A 42 3.69 -7.09 -4.37
C PRO A 42 5.01 -6.41 -4.76
N GLY A 43 4.99 -5.08 -4.80
CA GLY A 43 6.19 -4.31 -5.07
C GLY A 43 6.62 -4.30 -6.52
N LYS A 44 5.87 -4.97 -7.38
CA LYS A 44 6.25 -5.11 -8.78
C LYS A 44 5.26 -4.47 -9.76
N GLY A 45 5.47 -4.73 -11.05
CA GLY A 45 4.68 -4.12 -12.09
C GLY A 45 3.50 -4.96 -12.55
N LEU A 46 2.88 -4.54 -13.64
CA LEU A 46 1.63 -5.15 -14.10
C LEU A 46 1.86 -6.23 -15.14
N GLU A 47 1.10 -7.32 -15.02
CA GLU A 47 1.19 -8.42 -15.97
C GLU A 47 -0.20 -8.81 -16.46
N TRP A 48 -0.42 -8.75 -17.76
CA TRP A 48 -1.71 -9.13 -18.31
C TRP A 48 -1.91 -10.64 -18.25
N ILE A 49 -3.10 -11.06 -17.84
CA ILE A 49 -3.42 -12.47 -17.70
C ILE A 49 -4.22 -12.98 -18.91
N GLY A 50 -5.28 -12.25 -19.24
CA GLY A 50 -6.13 -12.64 -20.36
C GLY A 50 -7.32 -11.71 -20.53
N SER A 51 -7.98 -11.85 -21.67
CA SER A 51 -9.13 -11.03 -21.98
C SER A 51 -10.19 -11.87 -22.70
N ILE A 52 -11.43 -11.42 -22.61
CA ILE A 52 -12.51 -12.02 -23.39
C ILE A 52 -13.17 -10.89 -24.17
N TYR A 53 -13.40 -11.16 -25.46
CA TYR A 53 -13.91 -10.13 -26.36
C TYR A 53 -15.41 -10.23 -26.52
N HIS A 54 -15.98 -9.32 -27.31
CA HIS A 54 -17.42 -9.19 -27.48
C HIS A 54 -18.09 -10.51 -27.88
N SER A 55 -17.44 -11.27 -28.75
CA SER A 55 -18.01 -12.53 -29.23
C SER A 55 -17.90 -13.68 -28.23
N GLY A 56 -17.02 -13.51 -27.24
CA GLY A 56 -16.76 -14.59 -26.30
C GLY A 56 -15.40 -15.22 -26.56
N SER A 57 -14.74 -14.77 -27.63
CA SER A 57 -13.41 -15.24 -27.94
C SER A 57 -12.44 -14.83 -26.84
N THR A 58 -11.57 -15.74 -26.42
CA THR A 58 -10.62 -15.45 -25.35
C THR A 58 -9.18 -15.46 -25.83
N TYR A 59 -8.37 -14.61 -25.23
CA TYR A 59 -6.94 -14.57 -25.50
C TYR A 59 -6.21 -14.54 -24.17
N TYR A 60 -5.19 -15.39 -24.04
CA TYR A 60 -4.48 -15.55 -22.78
C TYR A 60 -2.99 -15.26 -22.91
N ASN A 61 -2.39 -14.82 -21.81
CA ASN A 61 -0.94 -14.73 -21.73
C ASN A 61 -0.31 -16.10 -21.99
N PRO A 62 0.56 -16.19 -23.01
CA PRO A 62 1.16 -17.48 -23.41
C PRO A 62 1.86 -18.22 -22.28
N SER A 63 2.47 -17.50 -21.34
CA SER A 63 3.15 -18.14 -20.23
C SER A 63 2.17 -18.73 -19.21
N LEU A 64 0.90 -18.38 -19.34
CA LEU A 64 -0.13 -18.83 -18.38
C LEU A 64 -1.24 -19.64 -19.03
N LYS A 65 -1.22 -19.72 -20.36
CA LYS A 65 -2.38 -20.22 -21.12
C LYS A 65 -2.97 -21.54 -20.62
N SER A 66 -2.12 -22.52 -20.33
CA SER A 66 -2.60 -23.85 -19.96
C SER A 66 -3.26 -23.87 -18.58
N ARG A 67 -3.20 -22.76 -17.86
CA ARG A 67 -3.73 -22.71 -16.50
C ARG A 67 -4.89 -21.73 -16.33
N VAL A 68 -5.18 -20.96 -17.37
CA VAL A 68 -6.14 -19.87 -17.26
C VAL A 68 -7.46 -20.16 -17.95
N THR A 69 -8.57 -19.81 -17.29
CA THR A 69 -9.88 -19.81 -17.91
C THR A 69 -10.62 -18.53 -17.55
N ILE A 70 -11.13 -17.85 -18.58
CA ILE A 70 -11.93 -16.66 -18.38
C ILE A 70 -13.28 -16.86 -19.04
N SER A 71 -14.34 -16.62 -18.28
CA SER A 71 -15.69 -16.79 -18.81
C SER A 71 -16.64 -15.70 -18.33
N VAL A 72 -17.80 -15.61 -18.97
CA VAL A 72 -18.81 -14.61 -18.63
C VAL A 72 -20.12 -15.29 -18.22
N ASP A 73 -20.76 -14.79 -17.17
CA ASP A 73 -22.11 -15.21 -16.83
C ASP A 73 -23.06 -14.04 -17.09
N THR A 74 -23.81 -14.13 -18.17
CA THR A 74 -24.74 -13.09 -18.59
C THR A 74 -25.81 -12.78 -17.54
N SER A 75 -26.42 -13.83 -16.98
CA SER A 75 -27.52 -13.67 -16.04
C SER A 75 -27.10 -12.96 -14.76
N LYS A 76 -25.86 -13.20 -14.32
CA LYS A 76 -25.36 -12.57 -13.11
C LYS A 76 -24.59 -11.29 -13.43
N ASN A 77 -24.41 -11.03 -14.72
CA ASN A 77 -23.63 -9.88 -15.20
C ASN A 77 -22.24 -9.85 -14.55
N GLN A 78 -21.58 -11.00 -14.56
CA GLN A 78 -20.24 -11.14 -14.01
C GLN A 78 -19.31 -11.78 -15.03
N PHE A 79 -18.01 -11.62 -14.83
CA PHE A 79 -17.06 -12.47 -15.53
C PHE A 79 -16.04 -12.98 -14.52
N SER A 80 -15.38 -14.07 -14.85
CA SER A 80 -14.57 -14.77 -13.87
C SER A 80 -13.16 -15.07 -14.36
N LEU A 81 -12.32 -15.48 -13.41
CA LEU A 81 -10.99 -15.96 -13.67
C LEU A 81 -10.78 -17.26 -12.91
N LYS A 82 -10.31 -18.28 -13.61
CA LYS A 82 -9.85 -19.51 -12.97
C LYS A 82 -8.38 -19.69 -13.34
N LEU A 83 -7.54 -19.82 -12.33
CA LEU A 83 -6.13 -20.08 -12.54
C LEU A 83 -5.75 -21.33 -11.75
N SER A 84 -5.50 -22.42 -12.46
CA SER A 84 -5.26 -23.71 -11.83
C SER A 84 -3.81 -23.89 -11.38
N SER A 85 -3.59 -24.91 -10.54
CA SER A 85 -2.25 -25.30 -10.09
C SER A 85 -1.37 -24.13 -9.63
N VAL A 86 -1.92 -23.28 -8.76
CA VAL A 86 -1.19 -22.09 -8.36
C VAL A 86 0.00 -22.39 -7.46
N THR A 87 1.01 -21.53 -7.54
CA THR A 87 2.17 -21.59 -6.65
C THR A 87 2.39 -20.23 -6.02
N ALA A 88 3.40 -20.13 -5.16
CA ALA A 88 3.73 -18.87 -4.49
C ALA A 88 3.96 -17.73 -5.49
N ALA A 89 4.37 -18.09 -6.70
CA ALA A 89 4.62 -17.10 -7.76
C ALA A 89 3.35 -16.44 -8.26
N ASP A 90 2.19 -17.02 -7.94
CA ASP A 90 0.92 -16.44 -8.34
C ASP A 90 0.36 -15.46 -7.29
N THR A 91 1.09 -15.27 -6.19
CA THR A 91 0.69 -14.29 -5.19
C THR A 91 0.75 -12.90 -5.81
N ALA A 92 -0.36 -12.18 -5.77
CA ALA A 92 -0.44 -10.88 -6.44
C ALA A 92 -1.75 -10.18 -6.12
N VAL A 93 -1.80 -8.89 -6.40
CA VAL A 93 -3.08 -8.19 -6.44
C VAL A 93 -3.65 -8.42 -7.83
N TYR A 94 -4.87 -8.96 -7.90
CA TYR A 94 -5.54 -9.23 -9.16
C TYR A 94 -6.59 -8.16 -9.44
N TYR A 95 -6.50 -7.53 -10.61
CA TYR A 95 -7.46 -6.53 -11.03
C TYR A 95 -8.34 -7.06 -12.15
N CYS A 96 -9.65 -6.85 -12.04
CA CYS A 96 -10.50 -7.05 -13.21
C CYS A 96 -10.61 -5.70 -13.91
N ALA A 97 -10.75 -5.75 -15.23
CA ALA A 97 -10.82 -4.53 -16.02
C ALA A 97 -11.70 -4.79 -17.22
N GLY A 98 -12.20 -3.72 -17.82
CA GLY A 98 -13.04 -3.87 -19.00
C GLY A 98 -13.33 -2.55 -19.67
N LEU A 99 -13.60 -2.59 -20.97
CA LEU A 99 -13.85 -1.39 -21.75
C LEU A 99 -15.30 -1.31 -22.18
N THR A 100 -15.92 -0.15 -21.96
CA THR A 100 -17.33 0.05 -22.29
C THR A 100 -17.55 1.30 -23.14
N GLN A 101 -18.75 1.39 -23.71
CA GLN A 101 -19.27 2.59 -24.38
C GLN A 101 -18.58 2.94 -25.69
N SER A 102 -17.25 3.02 -25.68
CA SER A 102 -16.53 3.38 -26.90
C SER A 102 -15.08 2.88 -26.88
N SER A 103 -14.44 2.91 -28.05
CA SER A 103 -13.06 2.45 -28.18
C SER A 103 -12.09 3.32 -27.40
N HIS A 104 -12.37 4.62 -27.34
CA HIS A 104 -11.47 5.58 -26.72
C HIS A 104 -11.78 5.80 -25.25
N ASN A 105 -12.87 5.20 -24.77
CA ASN A 105 -13.27 5.36 -23.39
C ASN A 105 -12.25 4.74 -22.44
N ASP A 106 -12.12 5.33 -21.26
CA ASP A 106 -11.30 4.72 -20.22
C ASP A 106 -11.85 3.36 -19.87
N ALA A 107 -11.00 2.36 -19.80
CA ALA A 107 -11.42 1.08 -19.25
C ALA A 107 -11.65 1.30 -17.76
N ASN A 108 -12.62 0.59 -17.21
CA ASN A 108 -12.83 0.68 -15.78
C ASN A 108 -12.04 -0.44 -15.11
N TRP A 109 -11.61 -0.20 -13.88
CA TRP A 109 -10.85 -1.16 -13.10
C TRP A 109 -11.62 -1.53 -11.84
N GLY A 110 -11.38 -2.72 -11.32
CA GLY A 110 -11.89 -3.08 -10.02
C GLY A 110 -10.96 -2.50 -8.98
N GLN A 111 -11.27 -2.71 -7.70
CA GLN A 111 -10.44 -2.20 -6.61
C GLN A 111 -9.12 -2.98 -6.52
N GLY A 112 -9.13 -4.18 -7.09
CA GLY A 112 -8.01 -5.10 -6.95
C GLY A 112 -8.17 -5.90 -5.67
N THR A 113 -7.88 -7.19 -5.75
CA THR A 113 -7.96 -8.06 -4.58
C THR A 113 -6.66 -8.85 -4.41
N LEU A 114 -6.09 -8.79 -3.22
CA LEU A 114 -4.86 -9.51 -2.97
C LEU A 114 -5.13 -11.00 -2.79
N VAL A 115 -4.40 -11.81 -3.54
CA VAL A 115 -4.47 -13.25 -3.36
C VAL A 115 -3.10 -13.76 -2.99
N THR A 116 -3.02 -14.42 -1.84
CA THR A 116 -1.79 -14.97 -1.35
C THR A 116 -1.80 -16.48 -1.53
N VAL A 117 -0.77 -17.03 -2.14
CA VAL A 117 -0.67 -18.48 -2.26
C VAL A 117 0.31 -18.98 -1.22
N SER A 118 -0.19 -19.78 -0.29
CA SER A 118 0.62 -20.20 0.85
C SER A 118 0.04 -21.43 1.51
N SER A 119 0.91 -22.21 2.16
CA SER A 119 0.47 -23.37 2.91
C SER A 119 0.10 -22.97 4.35
N ALA A 120 0.40 -21.73 4.72
CA ALA A 120 0.03 -21.23 6.04
C ALA A 120 -1.48 -21.01 6.12
N SER A 121 -2.02 -21.01 7.33
CA SER A 121 -3.46 -20.87 7.52
C SER A 121 -3.85 -19.47 7.96
N THR A 122 -5.12 -19.14 7.82
N THR A 122 -5.13 -19.14 7.81
CA THR A 122 -5.62 -17.81 8.18
CA THR A 122 -5.63 -17.85 8.24
C THR A 122 -5.63 -17.61 9.70
C THR A 122 -5.41 -17.69 9.74
N LYS A 123 -5.11 -16.45 10.13
CA LYS A 123 -5.06 -16.12 11.55
C LYS A 123 -5.53 -14.69 11.76
N GLY A 124 -6.50 -14.50 12.65
CA GLY A 124 -7.00 -13.17 12.94
C GLY A 124 -6.06 -12.38 13.85
N PRO A 125 -6.08 -11.06 13.72
CA PRO A 125 -5.17 -10.22 14.51
C PRO A 125 -5.63 -9.99 15.94
N SER A 126 -4.67 -9.66 16.80
CA SER A 126 -4.94 -9.05 18.10
C SER A 126 -4.74 -7.56 17.94
N VAL A 127 -5.62 -6.76 18.55
CA VAL A 127 -5.51 -5.31 18.43
C VAL A 127 -5.16 -4.70 19.79
N PHE A 128 -4.05 -3.97 19.82
CA PHE A 128 -3.59 -3.36 21.05
C PHE A 128 -3.51 -1.85 20.92
N PRO A 129 -3.84 -1.12 21.99
CA PRO A 129 -3.79 0.34 21.90
C PRO A 129 -2.37 0.89 22.01
N LEU A 130 -2.07 1.90 21.21
CA LEU A 130 -0.88 2.73 21.43
C LEU A 130 -1.38 4.01 22.10
N ALA A 131 -1.44 3.98 23.42
CA ALA A 131 -2.10 5.02 24.18
C ALA A 131 -1.21 6.23 24.38
N PRO A 132 -1.78 7.43 24.25
CA PRO A 132 -1.06 8.69 24.43
C PRO A 132 -0.76 8.97 25.90
N GLY A 140 1.97 20.58 22.14
CA GLY A 140 0.54 20.76 21.95
C GLY A 140 -0.09 19.63 21.16
N THR A 141 0.75 18.74 20.64
CA THR A 141 0.27 17.63 19.82
C THR A 141 0.55 16.28 20.48
N ALA A 142 -0.45 15.39 20.45
CA ALA A 142 -0.28 14.05 20.99
C ALA A 142 -0.44 13.03 19.88
N ALA A 143 0.31 11.94 19.96
CA ALA A 143 0.14 10.85 19.01
C ALA A 143 -0.50 9.67 19.72
N LEU A 144 -1.39 8.98 19.01
CA LEU A 144 -1.98 7.76 19.51
C LEU A 144 -2.20 6.80 18.34
N GLY A 145 -2.49 5.55 18.65
CA GLY A 145 -2.71 4.62 17.57
C GLY A 145 -3.14 3.25 18.02
N CYS A 146 -3.04 2.29 17.09
N CYS A 146 -3.06 2.28 17.11
CA CYS A 146 -3.37 0.91 17.35
CA CYS A 146 -3.36 0.91 17.46
C CYS A 146 -2.32 0.02 16.72
C CYS A 146 -2.46 -0.04 16.69
N LEU A 147 -2.00 -1.07 17.39
CA LEU A 147 -1.09 -2.06 16.89
C LEU A 147 -1.91 -3.28 16.53
N VAL A 148 -1.88 -3.68 15.27
CA VAL A 148 -2.65 -4.81 14.78
C VAL A 148 -1.67 -5.95 14.53
N LYS A 149 -1.64 -6.91 15.44
CA LYS A 149 -0.51 -7.84 15.48
C LYS A 149 -0.90 -9.28 15.17
N ASP A 150 0.01 -9.98 14.49
CA ASP A 150 -0.03 -11.43 14.31
C ASP A 150 -1.21 -11.91 13.50
N TYR A 151 -1.31 -11.47 12.25
CA TYR A 151 -2.38 -11.94 11.38
C TYR A 151 -1.83 -12.51 10.09
N PHE A 152 -2.66 -13.27 9.39
CA PHE A 152 -2.32 -13.83 8.08
C PHE A 152 -3.59 -14.23 7.36
N PRO A 153 -3.65 -13.99 6.04
CA PRO A 153 -2.71 -13.25 5.22
C PRO A 153 -3.01 -11.76 5.25
N GLU A 154 -2.27 -10.98 4.48
CA GLU A 154 -2.69 -9.61 4.19
C GLU A 154 -3.99 -9.61 3.38
N PRO A 155 -4.76 -8.50 3.42
CA PRO A 155 -4.49 -7.27 4.16
C PRO A 155 -5.42 -7.07 5.36
N VAL A 156 -5.11 -6.07 6.16
CA VAL A 156 -6.08 -5.53 7.12
C VAL A 156 -6.41 -4.11 6.71
N THR A 157 -7.63 -3.68 7.00
CA THR A 157 -8.00 -2.29 6.79
C THR A 157 -8.18 -1.61 8.14
N VAL A 158 -7.69 -0.38 8.26
CA VAL A 158 -7.85 0.38 9.50
C VAL A 158 -8.44 1.75 9.18
N SER A 159 -9.46 2.13 9.94
CA SER A 159 -9.98 3.48 9.87
C SER A 159 -10.07 4.03 11.28
N TRP A 160 -10.32 5.34 11.39
CA TRP A 160 -10.48 5.96 12.70
C TRP A 160 -11.84 6.65 12.82
N ASN A 161 -12.53 6.38 13.92
CA ASN A 161 -13.85 6.95 14.18
C ASN A 161 -14.79 6.72 13.00
N SER A 162 -14.77 5.49 12.48
CA SER A 162 -15.61 5.05 11.37
C SER A 162 -15.49 5.95 10.14
N GLY A 163 -14.29 6.48 9.89
CA GLY A 163 -14.04 7.27 8.70
C GLY A 163 -14.12 8.76 8.92
N ALA A 164 -14.65 9.15 10.07
CA ALA A 164 -14.81 10.57 10.40
C ALA A 164 -13.46 11.24 10.64
N LEU A 165 -12.46 10.47 11.03
CA LEU A 165 -11.14 11.01 11.34
C LEU A 165 -10.12 10.58 10.29
N THR A 166 -9.66 11.52 9.47
CA THR A 166 -8.71 11.20 8.41
C THR A 166 -7.47 12.10 8.46
N SER A 167 -7.64 13.33 8.92
CA SER A 167 -6.53 14.26 9.04
C SER A 167 -5.50 13.75 10.05
N GLY A 168 -4.24 13.68 9.63
CA GLY A 168 -3.16 13.32 10.52
C GLY A 168 -2.99 11.82 10.73
N VAL A 169 -3.76 11.03 10.01
CA VAL A 169 -3.70 9.57 10.15
C VAL A 169 -2.59 8.99 9.27
N HIS A 170 -1.77 8.12 9.86
CA HIS A 170 -0.77 7.36 9.09
C HIS A 170 -0.93 5.87 9.37
N THR A 171 -1.27 5.10 8.34
CA THR A 171 -1.36 3.67 8.48
C THR A 171 -0.20 3.05 7.72
N PHE A 172 0.68 2.38 8.46
CA PHE A 172 1.94 1.90 7.91
C PHE A 172 1.78 0.60 7.13
N PRO A 173 2.66 0.39 6.13
CA PRO A 173 2.75 -0.91 5.49
C PRO A 173 2.97 -2.01 6.53
N ALA A 174 2.32 -3.16 6.33
CA ALA A 174 2.50 -4.29 7.22
C ALA A 174 3.93 -4.81 7.16
N VAL A 175 4.42 -5.33 8.27
CA VAL A 175 5.73 -5.97 8.31
C VAL A 175 5.57 -7.48 8.54
N LEU A 176 6.34 -8.26 7.80
CA LEU A 176 6.31 -9.71 7.95
C LEU A 176 7.27 -10.08 9.06
N GLN A 177 6.74 -10.64 10.14
CA GLN A 177 7.57 -10.98 11.30
C GLN A 177 8.28 -12.30 11.05
N SER A 178 9.33 -12.57 11.83
CA SER A 178 10.08 -13.82 11.70
C SER A 178 9.18 -15.04 11.92
N SER A 179 8.04 -14.83 12.56
CA SER A 179 7.07 -15.89 12.81
C SER A 179 6.26 -16.26 11.56
N GLY A 180 6.34 -15.43 10.54
CA GLY A 180 5.57 -15.65 9.32
C GLY A 180 4.21 -14.97 9.37
N LEU A 181 3.95 -14.26 10.46
CA LEU A 181 2.72 -13.50 10.61
C LEU A 181 2.97 -12.01 10.39
N TYR A 182 1.93 -11.28 9.99
CA TYR A 182 2.08 -9.84 9.78
C TYR A 182 1.70 -9.04 10.99
N SER A 183 2.24 -7.82 11.04
N SER A 183 2.24 -7.83 11.04
CA SER A 183 1.89 -6.83 12.06
CA SER A 183 1.81 -6.84 12.02
C SER A 183 1.87 -5.44 11.42
C SER A 183 1.78 -5.49 11.34
N LEU A 184 0.91 -4.62 11.84
CA LEU A 184 0.73 -3.31 11.26
C LEU A 184 0.39 -2.32 12.36
N SER A 185 0.79 -1.07 12.20
N SER A 185 0.78 -1.06 12.17
CA SER A 185 0.39 -0.05 13.14
CA SER A 185 0.42 -0.03 13.12
C SER A 185 -0.28 1.09 12.40
C SER A 185 -0.26 1.13 12.40
N SER A 186 -1.25 1.73 13.04
CA SER A 186 -1.89 2.91 12.50
C SER A 186 -1.86 3.97 13.58
N VAL A 187 -1.42 5.17 13.21
CA VAL A 187 -1.34 6.24 14.19
C VAL A 187 -2.05 7.50 13.71
N VAL A 188 -2.34 8.39 14.65
CA VAL A 188 -2.91 9.70 14.31
C VAL A 188 -2.38 10.70 15.32
N THR A 189 -2.11 11.92 14.85
CA THR A 189 -1.72 12.98 15.77
C THR A 189 -2.91 13.91 15.95
N VAL A 190 -3.12 14.33 17.20
CA VAL A 190 -4.30 15.11 17.56
C VAL A 190 -3.90 16.20 18.56
N PRO A 191 -4.75 17.23 18.73
CA PRO A 191 -4.43 18.21 19.78
C PRO A 191 -4.40 17.57 21.16
N SER A 192 -3.38 17.90 21.96
CA SER A 192 -3.27 17.36 23.31
C SER A 192 -4.51 17.67 24.14
N SER A 193 -5.13 18.81 23.86
CA SER A 193 -6.28 19.28 24.63
C SER A 193 -7.54 18.46 24.36
N SER A 194 -7.52 17.68 23.29
N SER A 194 -7.52 17.68 23.29
CA SER A 194 -8.68 16.90 22.89
CA SER A 194 -8.69 16.90 22.89
C SER A 194 -8.73 15.55 23.59
C SER A 194 -8.72 15.54 23.56
N LEU A 195 -7.61 15.15 24.18
CA LEU A 195 -7.48 13.81 24.76
C LEU A 195 -8.50 13.54 25.87
N GLY A 196 -8.87 14.58 26.60
CA GLY A 196 -9.81 14.43 27.70
C GLY A 196 -11.27 14.45 27.28
N THR A 197 -11.56 14.88 26.06
CA THR A 197 -12.94 15.07 25.64
C THR A 197 -13.33 14.30 24.37
N GLN A 198 -12.36 14.08 23.49
CA GLN A 198 -12.65 13.41 22.21
C GLN A 198 -12.39 11.92 22.29
N THR A 199 -13.30 11.11 21.77
CA THR A 199 -13.14 9.67 21.74
C THR A 199 -12.46 9.24 20.45
N TYR A 200 -11.45 8.36 20.57
CA TYR A 200 -10.72 7.86 19.42
C TYR A 200 -10.85 6.34 19.35
N ILE A 201 -11.42 5.87 18.25
CA ILE A 201 -11.67 4.45 18.06
C ILE A 201 -11.00 4.00 16.78
N CYS A 202 -10.16 2.98 16.86
N CYS A 202 -10.23 2.92 16.87
CA CYS A 202 -9.61 2.44 15.63
CA CYS A 202 -9.57 2.32 15.73
C CYS A 202 -10.47 1.26 15.21
C CYS A 202 -10.38 1.16 15.18
N ASN A 203 -10.90 1.31 13.96
CA ASN A 203 -11.74 0.27 13.35
C ASN A 203 -10.89 -0.64 12.49
N VAL A 204 -10.82 -1.91 12.87
CA VAL A 204 -9.94 -2.87 12.20
C VAL A 204 -10.75 -3.98 11.56
N ASN A 205 -10.46 -4.27 10.29
CA ASN A 205 -11.13 -5.35 9.60
C ASN A 205 -10.14 -6.26 8.90
N HIS A 206 -10.16 -7.54 9.27
CA HIS A 206 -9.37 -8.57 8.59
C HIS A 206 -10.30 -9.58 7.94
N LYS A 207 -10.63 -9.34 6.68
CA LYS A 207 -11.63 -10.14 5.96
C LYS A 207 -11.33 -11.64 5.88
N PRO A 208 -10.06 -12.04 5.63
CA PRO A 208 -9.82 -13.49 5.54
C PRO A 208 -10.20 -14.29 6.80
N SER A 209 -10.11 -13.68 7.98
CA SER A 209 -10.45 -14.38 9.21
C SER A 209 -11.83 -13.95 9.71
N ASN A 210 -12.49 -13.11 8.93
CA ASN A 210 -13.78 -12.52 9.31
C ASN A 210 -13.70 -11.84 10.67
N THR A 211 -12.57 -11.19 10.95
CA THR A 211 -12.37 -10.49 12.21
C THR A 211 -12.57 -8.99 12.05
N LYS A 212 -13.53 -8.44 12.78
CA LYS A 212 -13.72 -7.00 12.83
C LYS A 212 -13.68 -6.56 14.29
N VAL A 213 -12.92 -5.51 14.56
CA VAL A 213 -12.77 -4.99 15.93
C VAL A 213 -12.84 -3.47 15.92
N ASP A 214 -13.52 -2.90 16.92
CA ASP A 214 -13.48 -1.45 17.16
C ASP A 214 -12.85 -1.24 18.53
N LYS A 215 -11.68 -0.63 18.55
CA LYS A 215 -10.89 -0.47 19.76
C LYS A 215 -10.78 0.98 20.19
N LYS A 216 -11.34 1.30 21.35
CA LYS A 216 -11.17 2.64 21.89
C LYS A 216 -9.77 2.79 22.46
N VAL A 217 -9.10 3.87 22.07
CA VAL A 217 -7.76 4.16 22.57
C VAL A 217 -7.85 5.27 23.61
N GLU A 218 -7.57 4.92 24.86
CA GLU A 218 -7.76 5.84 25.98
C GLU A 218 -6.41 6.21 26.59
N PRO A 219 -6.24 7.48 26.98
CA PRO A 219 -4.98 7.92 27.57
C PRO A 219 -4.63 7.10 28.80
N LYS A 220 -3.34 6.81 28.97
CA LYS A 220 -2.87 6.06 30.12
C LYS A 220 -2.78 6.94 31.35
N SER A 221 -2.74 6.31 32.52
CA SER A 221 -2.35 6.99 33.74
C SER A 221 -0.84 6.85 33.88
N CYS A 222 -0.12 7.95 33.68
CA CYS A 222 1.35 7.88 33.64
C CYS A 222 2.00 8.90 34.56
N LEU A 223 2.75 8.41 35.53
CA LEU A 223 3.49 9.28 36.45
C LEU A 223 4.98 9.04 36.29
N ALA A 224 5.62 9.87 35.47
CA ALA A 224 7.04 9.70 35.14
C ALA A 224 7.93 10.66 35.93
N LEU B 4 9.10 -3.53 -22.19
CA LEU B 4 9.14 -2.08 -21.98
C LEU B 4 9.92 -1.71 -20.72
N THR B 5 10.92 -0.85 -20.88
CA THR B 5 11.75 -0.45 -19.75
C THR B 5 11.55 1.02 -19.37
N GLN B 6 11.37 1.26 -18.06
CA GLN B 6 11.27 2.61 -17.51
C GLN B 6 12.32 2.79 -16.42
N PRO B 7 12.74 4.03 -16.17
CA PRO B 7 13.60 4.23 -15.00
C PRO B 7 12.81 3.95 -13.73
N PRO B 8 13.46 3.37 -12.71
CA PRO B 8 12.75 3.02 -11.48
C PRO B 8 12.19 4.22 -10.73
N SER B 9 12.82 5.39 -10.87
CA SER B 9 12.40 6.55 -10.12
C SER B 9 12.78 7.85 -10.81
N VAL B 10 11.99 8.90 -10.53
CA VAL B 10 12.30 10.26 -10.97
C VAL B 10 11.90 11.21 -9.84
N SER B 11 12.53 12.38 -9.80
CA SER B 11 12.20 13.33 -8.73
C SER B 11 12.46 14.77 -9.16
N ALA B 12 11.66 15.68 -8.61
CA ALA B 12 11.85 17.11 -8.78
C ALA B 12 11.08 17.88 -7.71
N ALA B 13 11.41 19.16 -7.58
CA ALA B 13 10.75 20.02 -6.60
C ALA B 13 9.36 20.43 -7.06
N PRO B 14 8.50 20.85 -6.11
CA PRO B 14 7.17 21.35 -6.49
C PRO B 14 7.25 22.48 -7.52
N GLY B 15 6.39 22.43 -8.52
CA GLY B 15 6.35 23.47 -9.54
C GLY B 15 7.21 23.17 -10.74
N GLN B 16 8.09 22.19 -10.61
CA GLN B 16 9.00 21.82 -11.68
C GLN B 16 8.39 20.81 -12.64
N LYS B 17 9.14 20.45 -13.68
CA LYS B 17 8.74 19.46 -14.66
C LYS B 17 9.59 18.19 -14.57
N VAL B 18 8.98 17.05 -14.83
CA VAL B 18 9.73 15.81 -15.02
C VAL B 18 9.29 15.15 -16.30
N THR B 19 10.16 14.29 -16.83
CA THR B 19 9.77 13.42 -17.91
C THR B 19 10.08 11.98 -17.51
N ILE B 20 9.24 11.07 -17.98
CA ILE B 20 9.40 9.65 -17.71
C ILE B 20 9.38 8.94 -19.06
N SER B 21 10.46 8.21 -19.33
N SER B 21 10.46 8.25 -19.39
CA SER B 21 10.62 7.53 -20.61
CA SER B 21 10.51 7.61 -20.71
C SER B 21 10.17 6.08 -20.55
C SER B 21 10.40 6.10 -20.62
N CYS B 22 9.94 5.51 -21.73
N CYS B 22 9.72 5.53 -21.61
CA CYS B 22 9.45 4.15 -21.88
CA CYS B 22 9.57 4.09 -21.71
C CYS B 22 10.14 3.56 -23.10
C CYS B 22 10.17 3.60 -23.02
N SER B 23 11.12 2.69 -22.90
CA SER B 23 11.85 2.14 -24.05
C SER B 23 11.34 0.75 -24.41
N GLY B 24 10.97 0.57 -25.68
CA GLY B 24 10.46 -0.70 -26.15
C GLY B 24 11.16 -1.16 -27.41
N SER B 25 10.42 -1.82 -28.28
CA SER B 25 10.98 -2.33 -29.53
C SER B 25 10.10 -1.95 -30.70
N SER B 26 10.56 -2.26 -31.91
CA SER B 26 9.78 -1.98 -33.11
C SER B 26 8.50 -2.80 -33.13
N SER B 27 8.48 -3.85 -32.33
CA SER B 27 7.36 -4.79 -32.29
C SER B 27 6.22 -4.36 -31.37
N ASN B 28 6.52 -3.53 -30.37
CA ASN B 28 5.45 -3.01 -29.51
C ASN B 28 5.22 -1.50 -29.68
N ILE B 29 6.05 -0.69 -29.03
CA ILE B 29 5.92 0.76 -29.14
C ILE B 29 6.10 1.23 -30.59
N GLY B 30 6.99 0.55 -31.32
CA GLY B 30 7.22 0.87 -32.71
C GLY B 30 5.97 0.83 -33.58
N ASN B 31 5.15 -0.18 -33.38
CA ASN B 31 3.97 -0.39 -34.22
C ASN B 31 2.64 0.09 -33.62
N ASN B 32 2.56 0.18 -32.30
CA ASN B 32 1.27 0.35 -31.65
C ASN B 32 1.17 1.58 -30.74
N TYR B 33 -0.07 1.95 -30.44
CA TYR B 33 -0.36 3.09 -29.57
C TYR B 33 0.18 2.89 -28.15
N VAL B 34 0.55 3.99 -27.52
CA VAL B 34 1.04 3.97 -26.14
C VAL B 34 0.06 4.68 -25.22
N SER B 35 -0.17 4.08 -24.06
N SER B 35 -0.16 4.08 -24.05
CA SER B 35 -0.96 4.70 -23.00
CA SER B 35 -0.96 4.69 -23.00
C SER B 35 -0.10 4.91 -21.77
C SER B 35 -0.11 4.88 -21.75
N TRP B 36 -0.54 5.80 -20.88
CA TRP B 36 0.14 6.02 -19.61
C TRP B 36 -0.85 5.97 -18.47
N TYR B 37 -0.42 5.44 -17.33
CA TYR B 37 -1.27 5.27 -16.16
C TYR B 37 -0.61 5.82 -14.91
N GLN B 38 -1.43 6.40 -14.03
CA GLN B 38 -1.00 6.81 -12.71
C GLN B 38 -1.55 5.85 -11.68
N GLN B 39 -0.70 5.31 -10.82
CA GLN B 39 -1.19 4.46 -9.75
C GLN B 39 -0.79 5.00 -8.38
N LEU B 40 -1.73 5.69 -7.74
CA LEU B 40 -1.51 6.16 -6.38
C LEU B 40 -1.50 4.96 -5.45
N PRO B 41 -0.78 5.05 -4.32
CA PRO B 41 -0.72 3.94 -3.36
C PRO B 41 -2.10 3.37 -2.99
N GLY B 42 -2.25 2.06 -3.14
CA GLY B 42 -3.47 1.38 -2.72
C GLY B 42 -4.65 1.49 -3.68
N THR B 43 -4.42 2.07 -4.85
CA THR B 43 -5.50 2.25 -5.81
C THR B 43 -5.18 1.57 -7.13
N ALA B 44 -6.19 1.44 -7.99
CA ALA B 44 -6.01 0.88 -9.32
C ALA B 44 -5.37 1.92 -10.23
N PRO B 45 -4.70 1.47 -11.30
CA PRO B 45 -4.19 2.42 -12.28
C PRO B 45 -5.29 3.32 -12.88
N LYS B 46 -4.94 4.57 -13.14
CA LYS B 46 -5.84 5.53 -13.74
C LYS B 46 -5.20 6.05 -15.03
N ARG B 47 -5.91 5.96 -16.16
CA ARG B 47 -5.28 6.34 -17.43
C ARG B 47 -5.11 7.84 -17.56
N LEU B 48 -3.88 8.27 -17.87
CA LEU B 48 -3.55 9.67 -18.10
C LEU B 48 -3.49 10.03 -19.57
N ILE B 49 -3.05 9.07 -20.38
CA ILE B 49 -2.80 9.29 -21.81
C ILE B 49 -3.19 8.05 -22.59
N TYR B 50 -3.80 8.23 -23.77
CA TYR B 50 -3.99 7.10 -24.66
C TYR B 50 -3.72 7.56 -26.10
N ASP B 51 -3.61 6.60 -27.02
CA ASP B 51 -3.24 6.90 -28.41
C ASP B 51 -2.03 7.82 -28.49
N ASN B 52 -1.00 7.50 -27.70
CA ASN B 52 0.28 8.23 -27.66
C ASN B 52 0.22 9.58 -26.96
N ASN B 53 -0.79 10.39 -27.28
CA ASN B 53 -0.77 11.78 -26.85
C ASN B 53 -2.13 12.39 -26.50
N LYS B 54 -3.16 11.55 -26.43
CA LYS B 54 -4.50 12.05 -26.11
C LYS B 54 -4.79 11.96 -24.61
N ARG B 55 -5.42 13.01 -24.08
CA ARG B 55 -5.84 13.04 -22.69
C ARG B 55 -7.31 12.67 -22.53
N PRO B 56 -7.61 11.69 -21.68
CA PRO B 56 -8.99 11.40 -21.27
C PRO B 56 -9.63 12.63 -20.63
N SER B 57 -10.95 12.74 -20.74
CA SER B 57 -11.69 13.80 -20.06
C SER B 57 -11.36 13.80 -18.56
N GLY B 58 -11.05 14.98 -18.03
CA GLY B 58 -10.78 15.11 -16.60
C GLY B 58 -9.32 15.08 -16.21
N ILE B 59 -8.45 14.73 -17.16
CA ILE B 59 -7.01 14.76 -16.94
C ILE B 59 -6.49 16.14 -17.35
N PRO B 60 -5.85 16.87 -16.42
CA PRO B 60 -5.36 18.21 -16.73
C PRO B 60 -4.18 18.23 -17.71
N ASP B 61 -3.98 19.35 -18.39
CA ASP B 61 -2.94 19.41 -19.41
C ASP B 61 -1.52 19.52 -18.82
N ARG B 62 -1.41 19.38 -17.50
CA ARG B 62 -0.10 19.20 -16.87
C ARG B 62 0.54 17.90 -17.34
N PHE B 63 -0.30 16.96 -17.79
CA PHE B 63 0.17 15.68 -18.28
C PHE B 63 0.18 15.70 -19.81
N SER B 64 1.29 15.24 -20.39
CA SER B 64 1.38 15.13 -21.83
C SER B 64 2.15 13.87 -22.22
N GLY B 65 1.86 13.35 -23.40
CA GLY B 65 2.53 12.18 -23.89
C GLY B 65 2.99 12.37 -25.32
N SER B 66 4.08 11.70 -25.67
CA SER B 66 4.57 11.71 -27.03
C SER B 66 5.28 10.39 -27.32
N LYS B 67 5.52 10.14 -28.59
CA LYS B 67 6.12 8.88 -29.02
C LYS B 67 7.10 9.15 -30.15
N SER B 68 8.31 8.63 -30.00
CA SER B 68 9.35 8.80 -31.01
C SER B 68 10.07 7.48 -31.26
N GLY B 69 9.77 6.85 -32.40
CA GLY B 69 10.39 5.59 -32.77
C GLY B 69 9.93 4.45 -31.87
N THR B 70 10.86 3.86 -31.14
CA THR B 70 10.53 2.76 -30.24
C THR B 70 10.49 3.22 -28.79
N SER B 71 10.44 4.55 -28.59
CA SER B 71 10.34 5.10 -27.25
C SER B 71 9.10 5.99 -27.11
N ALA B 72 8.68 6.19 -25.86
CA ALA B 72 7.55 7.07 -25.56
C ALA B 72 7.87 7.83 -24.28
N THR B 73 7.27 9.01 -24.13
CA THR B 73 7.58 9.87 -23.00
C THR B 73 6.31 10.46 -22.39
N LEU B 74 6.27 10.45 -21.06
CA LEU B 74 5.24 11.14 -20.30
C LEU B 74 5.87 12.37 -19.68
N GLY B 75 5.26 13.53 -19.88
CA GLY B 75 5.72 14.75 -19.25
C GLY B 75 4.73 15.19 -18.19
N ILE B 76 5.26 15.65 -17.06
CA ILE B 76 4.43 16.19 -16.00
C ILE B 76 4.97 17.56 -15.61
N THR B 77 4.19 18.60 -15.83
CA THR B 77 4.59 19.95 -15.45
C THR B 77 3.86 20.38 -14.20
N GLY B 78 4.34 21.45 -13.57
CA GLY B 78 3.71 21.97 -12.36
C GLY B 78 3.52 20.94 -11.27
N LEU B 79 4.58 20.18 -10.98
CA LEU B 79 4.52 19.13 -9.96
C LEU B 79 3.92 19.63 -8.66
N GLN B 80 2.97 18.88 -8.11
CA GLN B 80 2.34 19.24 -6.85
C GLN B 80 2.14 18.01 -5.98
N THR B 81 1.88 18.25 -4.69
CA THR B 81 1.94 17.21 -3.67
C THR B 81 0.95 16.04 -3.76
N GLY B 82 0.21 15.93 -4.87
CA GLY B 82 -0.65 14.77 -5.05
C GLY B 82 -0.17 13.93 -6.21
N ASP B 83 0.98 14.28 -6.76
CA ASP B 83 1.52 13.63 -7.94
C ASP B 83 2.38 12.43 -7.61
N GLU B 84 2.71 12.23 -6.33
CA GLU B 84 3.53 11.08 -5.95
C GLU B 84 2.75 9.81 -6.21
N ALA B 85 3.32 8.97 -7.08
CA ALA B 85 2.66 7.76 -7.54
C ALA B 85 3.61 6.93 -8.38
N ASP B 86 3.19 5.73 -8.72
CA ASP B 86 3.87 4.93 -9.73
C ASP B 86 3.26 5.25 -11.07
N TYR B 87 4.09 5.46 -12.07
CA TYR B 87 3.62 5.77 -13.42
C TYR B 87 4.02 4.65 -14.37
N TYR B 88 3.04 4.15 -15.10
CA TYR B 88 3.25 3.02 -16.01
C TYR B 88 2.96 3.36 -17.45
N CYS B 89 3.86 2.92 -18.32
N CYS B 89 3.84 2.94 -18.35
CA CYS B 89 3.64 2.91 -19.77
CA CYS B 89 3.52 2.99 -19.76
C CYS B 89 2.91 1.62 -20.14
C CYS B 89 2.90 1.65 -20.14
N GLY B 90 2.05 1.67 -21.16
CA GLY B 90 1.36 0.48 -21.61
C GLY B 90 1.17 0.53 -23.11
N THR B 91 1.27 -0.62 -23.76
CA THR B 91 1.08 -0.67 -25.20
C THR B 91 0.64 -2.08 -25.56
N TRP B 92 0.72 -2.43 -26.85
CA TRP B 92 0.38 -3.78 -27.28
C TRP B 92 1.60 -4.44 -27.91
N ASP B 93 1.73 -5.75 -27.75
CA ASP B 93 2.86 -6.46 -28.36
C ASP B 93 2.52 -6.91 -29.77
N SER B 94 3.41 -7.71 -30.36
CA SER B 94 3.22 -8.23 -31.72
C SER B 94 1.93 -9.03 -31.87
N SER B 95 1.46 -9.63 -30.77
CA SER B 95 0.23 -10.42 -30.79
C SER B 95 -1.00 -9.56 -30.46
N LEU B 96 -0.79 -8.25 -30.34
CA LEU B 96 -1.82 -7.30 -29.93
C LEU B 96 -2.42 -7.65 -28.57
N ASN B 97 -1.56 -8.12 -27.67
CA ASN B 97 -1.93 -8.29 -26.28
C ASN B 97 -1.27 -7.20 -25.45
N PRO B 98 -1.92 -6.78 -24.35
CA PRO B 98 -1.37 -5.68 -23.54
C PRO B 98 -0.01 -6.02 -22.92
N VAL B 99 0.91 -5.04 -22.92
CA VAL B 99 2.14 -5.16 -22.16
C VAL B 99 2.37 -3.86 -21.43
N PHE B 100 3.10 -3.92 -20.33
CA PHE B 100 3.30 -2.76 -19.47
C PHE B 100 4.77 -2.57 -19.12
N GLY B 101 5.16 -1.33 -18.91
CA GLY B 101 6.49 -1.04 -18.39
C GLY B 101 6.58 -1.41 -16.92
N GLY B 102 7.79 -1.37 -16.37
CA GLY B 102 8.01 -1.76 -14.99
C GLY B 102 7.58 -0.73 -13.97
N GLY B 103 7.26 0.48 -14.43
CA GLY B 103 6.80 1.52 -13.53
C GLY B 103 7.91 2.45 -13.05
N THR B 104 7.55 3.72 -12.86
CA THR B 104 8.47 4.73 -12.35
C THR B 104 7.85 5.41 -11.14
N LYS B 105 8.56 5.40 -10.01
CA LYS B 105 8.04 6.07 -8.82
C LYS B 105 8.45 7.53 -8.82
N LEU B 106 7.47 8.43 -8.71
N LEU B 106 7.47 8.41 -8.69
CA LEU B 106 7.76 9.85 -8.66
CA LEU B 106 7.74 9.85 -8.65
C LEU B 106 7.86 10.35 -7.23
C LEU B 106 7.88 10.32 -7.20
N GLU B 107 8.98 11.02 -6.92
CA GLU B 107 9.18 11.62 -5.61
C GLU B 107 9.17 13.13 -5.74
N ILE B 108 8.47 13.80 -4.83
CA ILE B 108 8.48 15.26 -4.78
C ILE B 108 9.58 15.74 -3.83
N LYS B 109 10.52 16.51 -4.36
CA LYS B 109 11.63 17.03 -3.55
C LYS B 109 11.20 18.28 -2.81
N ARG B 110 10.61 18.11 -1.65
CA ARG B 110 10.20 19.24 -0.83
C ARG B 110 11.33 19.68 0.10
N THR B 111 11.06 20.69 0.92
CA THR B 111 12.07 21.20 1.85
C THR B 111 12.29 20.22 3.00
N VAL B 112 13.47 20.30 3.61
CA VAL B 112 13.82 19.42 4.72
C VAL B 112 12.87 19.64 5.90
N ALA B 113 12.44 18.54 6.50
CA ALA B 113 11.59 18.61 7.68
C ALA B 113 12.07 17.59 8.71
N ALA B 114 12.24 18.03 9.95
CA ALA B 114 12.68 17.14 11.02
C ALA B 114 11.49 16.34 11.55
N PRO B 115 11.73 15.08 11.92
CA PRO B 115 10.63 14.29 12.48
C PRO B 115 10.26 14.71 13.89
N SER B 116 8.97 14.58 14.22
CA SER B 116 8.54 14.62 15.61
C SER B 116 8.54 13.18 16.10
N VAL B 117 9.12 12.94 17.27
CA VAL B 117 9.34 11.57 17.75
C VAL B 117 8.47 11.26 18.95
N PHE B 118 7.86 10.08 18.94
CA PHE B 118 6.98 9.63 20.01
C PHE B 118 7.35 8.21 20.38
N ILE B 119 7.26 7.86 21.66
CA ILE B 119 7.50 6.47 22.04
C ILE B 119 6.31 5.91 22.81
N PHE B 120 6.02 4.63 22.60
CA PHE B 120 4.89 3.98 23.27
C PHE B 120 5.33 2.73 24.02
N PRO B 121 5.16 2.74 25.35
CA PRO B 121 5.33 1.50 26.11
C PRO B 121 4.33 0.44 25.65
N PRO B 122 4.60 -0.84 25.93
CA PRO B 122 3.56 -1.83 25.64
C PRO B 122 2.34 -1.66 26.55
N SER B 123 1.17 -2.00 26.04
CA SER B 123 -0.04 -1.96 26.85
C SER B 123 -0.03 -3.09 27.86
N ASP B 124 -0.62 -2.86 29.02
CA ASP B 124 -0.83 -3.94 30.00
C ASP B 124 -1.56 -5.09 29.32
N GLU B 125 -2.46 -4.74 28.42
CA GLU B 125 -3.25 -5.71 27.68
C GLU B 125 -2.36 -6.68 26.89
N GLN B 126 -1.36 -6.16 26.20
CA GLN B 126 -0.47 -7.03 25.44
C GLN B 126 0.43 -7.84 26.36
N LEU B 127 0.92 -7.21 27.43
CA LEU B 127 1.83 -7.89 28.34
C LEU B 127 1.24 -9.18 28.91
N LYS B 128 -0.07 -9.16 29.07
CA LYS B 128 -0.78 -10.32 29.58
C LYS B 128 -0.82 -11.42 28.55
N SER B 129 -0.53 -11.09 27.32
CA SER B 129 -0.48 -12.05 26.21
C SER B 129 0.93 -12.61 26.07
N GLY B 130 1.83 -12.16 26.94
CA GLY B 130 3.18 -12.70 27.01
C GLY B 130 4.24 -12.04 26.14
N THR B 131 3.85 -10.98 25.43
CA THR B 131 4.81 -10.29 24.57
C THR B 131 4.77 -8.79 24.83
N ALA B 132 5.84 -8.11 24.49
CA ALA B 132 5.91 -6.66 24.63
C ALA B 132 6.39 -6.05 23.33
N SER B 133 5.57 -5.19 22.74
CA SER B 133 5.98 -4.42 21.59
C SER B 133 6.21 -3.00 22.04
N VAL B 134 7.41 -2.49 21.79
CA VAL B 134 7.69 -1.08 22.08
C VAL B 134 7.77 -0.34 20.75
N VAL B 135 7.00 0.73 20.61
CA VAL B 135 6.89 1.42 19.32
C VAL B 135 7.46 2.82 19.37
N CYS B 136 8.32 3.13 18.40
CA CYS B 136 8.88 4.47 18.22
C CYS B 136 8.32 5.03 16.92
N LEU B 137 7.67 6.19 17.00
CA LEU B 137 7.09 6.84 15.82
C LEU B 137 7.88 8.08 15.43
N LEU B 138 8.23 8.16 14.15
CA LEU B 138 8.89 9.32 13.60
C LEU B 138 7.91 9.95 12.62
N ASN B 139 7.41 11.14 12.96
CA ASN B 139 6.31 11.69 12.19
C ASN B 139 6.67 12.89 11.32
N ASN B 140 6.24 12.83 10.07
CA ASN B 140 6.27 13.95 9.12
C ASN B 140 7.66 14.54 8.89
N PHE B 141 8.55 13.76 8.29
CA PHE B 141 9.90 14.21 8.02
C PHE B 141 10.26 14.09 6.54
N TYR B 142 11.30 14.82 6.13
CA TYR B 142 11.83 14.76 4.78
C TYR B 142 13.28 15.21 4.84
N PRO B 143 14.18 14.51 4.11
CA PRO B 143 13.97 13.35 3.22
C PRO B 143 13.81 12.02 3.95
N ARG B 144 13.71 10.94 3.18
CA ARG B 144 13.36 9.63 3.75
C ARG B 144 14.41 9.05 4.70
N GLU B 145 15.68 9.36 4.44
CA GLU B 145 16.77 8.75 5.18
C GLU B 145 16.69 9.09 6.67
N ALA B 146 16.59 8.07 7.51
CA ALA B 146 16.50 8.25 8.95
C ALA B 146 17.05 7.03 9.65
N LYS B 147 17.64 7.23 10.82
CA LYS B 147 18.20 6.12 11.57
C LYS B 147 17.53 6.06 12.93
N VAL B 148 17.06 4.88 13.30
CA VAL B 148 16.49 4.66 14.63
C VAL B 148 17.35 3.66 15.37
N GLN B 149 17.73 4.00 16.60
CA GLN B 149 18.56 3.12 17.41
C GLN B 149 17.86 2.84 18.75
N TRP B 150 17.64 1.55 19.03
CA TRP B 150 17.01 1.15 20.29
C TRP B 150 18.04 0.80 21.35
N LYS B 151 17.81 1.26 22.57
CA LYS B 151 18.63 0.85 23.71
C LYS B 151 17.74 0.46 24.88
N VAL B 152 18.10 -0.64 25.55
CA VAL B 152 17.39 -1.12 26.72
C VAL B 152 18.39 -1.24 27.85
N ASP B 153 18.22 -0.44 28.90
CA ASP B 153 19.23 -0.30 29.95
C ASP B 153 20.62 -0.05 29.35
N ASN B 154 20.66 0.87 28.38
CA ASN B 154 21.87 1.27 27.66
C ASN B 154 22.49 0.19 26.77
N ALA B 155 21.81 -0.93 26.61
CA ALA B 155 22.29 -1.97 25.70
C ALA B 155 21.74 -1.75 24.30
N LEU B 156 22.64 -1.60 23.33
CA LEU B 156 22.24 -1.44 21.94
C LEU B 156 21.49 -2.67 21.44
N GLN B 157 20.29 -2.46 20.90
CA GLN B 157 19.50 -3.56 20.37
C GLN B 157 19.80 -3.75 18.88
N SER B 158 20.11 -4.98 18.50
N SER B 158 20.08 -4.99 18.49
CA SER B 158 20.36 -5.27 17.09
CA SER B 158 20.40 -5.30 17.09
C SER B 158 19.64 -6.54 16.67
C SER B 158 19.69 -6.57 16.62
N GLY B 159 18.75 -6.41 15.69
CA GLY B 159 18.08 -7.56 15.11
C GLY B 159 16.67 -7.86 15.59
N ASN B 160 16.26 -7.21 16.68
CA ASN B 160 14.95 -7.49 17.26
C ASN B 160 13.98 -6.34 17.06
N SER B 161 14.24 -5.51 16.05
CA SER B 161 13.29 -4.48 15.67
C SER B 161 12.98 -4.52 14.18
N GLN B 162 11.80 -4.01 13.82
CA GLN B 162 11.42 -3.89 12.42
C GLN B 162 10.82 -2.54 12.19
N GLU B 163 11.08 -1.96 11.04
CA GLU B 163 10.51 -0.67 10.77
C GLU B 163 9.71 -0.65 9.47
N SER B 164 8.78 0.29 9.40
CA SER B 164 7.92 0.46 8.26
C SER B 164 7.80 1.95 7.96
N VAL B 165 7.78 2.31 6.67
N VAL B 165 7.78 2.31 6.67
CA VAL B 165 7.70 3.71 6.26
CA VAL B 165 7.66 3.70 6.29
C VAL B 165 6.53 3.95 5.31
C VAL B 165 6.46 3.90 5.37
N THR B 166 5.79 5.03 5.54
CA THR B 166 4.67 5.37 4.67
C THR B 166 5.18 5.90 3.33
N GLU B 167 4.28 6.01 2.37
CA GLU B 167 4.58 6.73 1.14
C GLU B 167 4.52 8.22 1.43
N GLN B 168 5.00 9.06 0.51
CA GLN B 168 4.94 10.51 0.70
C GLN B 168 3.49 10.95 0.92
N ASP B 169 3.30 11.75 1.96
CA ASP B 169 1.96 12.19 2.35
C ASP B 169 1.29 13.00 1.26
N SER B 170 -0.01 12.76 1.06
CA SER B 170 -0.75 13.44 0.00
C SER B 170 -0.97 14.92 0.30
N LYS B 171 -0.71 15.34 1.53
CA LYS B 171 -0.92 16.72 1.94
C LYS B 171 0.36 17.55 2.02
N ASP B 172 1.42 17.01 2.62
CA ASP B 172 2.65 17.78 2.76
C ASP B 172 3.90 17.09 2.21
N SER B 173 3.73 15.94 1.56
CA SER B 173 4.82 15.22 0.89
C SER B 173 5.92 14.73 1.83
N THR B 174 5.58 14.55 3.10
CA THR B 174 6.52 14.02 4.08
C THR B 174 6.41 12.50 4.22
N TYR B 175 7.37 11.92 4.93
CA TYR B 175 7.31 10.51 5.30
C TYR B 175 7.03 10.38 6.77
N SER B 176 6.51 9.23 7.18
CA SER B 176 6.49 8.85 8.58
C SER B 176 7.03 7.44 8.69
N LEU B 177 7.58 7.11 9.86
CA LEU B 177 8.22 5.83 10.07
C LEU B 177 7.83 5.30 11.44
N SER B 178 7.59 4.00 11.52
N SER B 178 7.56 4.01 11.51
CA SER B 178 7.33 3.36 12.80
CA SER B 178 7.35 3.36 12.79
C SER B 178 8.31 2.21 13.01
C SER B 178 8.42 2.30 12.97
N SER B 179 8.98 2.20 14.17
CA SER B 179 9.92 1.15 14.49
C SER B 179 9.39 0.40 15.70
N THR B 180 9.37 -0.93 15.61
CA THR B 180 8.80 -1.74 16.68
C THR B 180 9.87 -2.66 17.24
N LEU B 181 10.10 -2.55 18.54
CA LEU B 181 11.03 -3.43 19.25
C LEU B 181 10.23 -4.55 19.92
N THR B 182 10.60 -5.79 19.64
CA THR B 182 9.86 -6.92 20.18
C THR B 182 10.65 -7.64 21.28
N LEU B 183 10.03 -7.78 22.45
CA LEU B 183 10.62 -8.55 23.56
C LEU B 183 9.58 -9.48 24.16
N SER B 184 10.04 -10.54 24.80
CA SER B 184 9.16 -11.39 25.59
C SER B 184 8.77 -10.61 26.84
N LYS B 185 7.65 -11.00 27.46
CA LYS B 185 7.22 -10.37 28.71
C LYS B 185 8.32 -10.52 29.76
N ALA B 186 8.91 -11.71 29.82
CA ALA B 186 9.95 -12.00 30.80
C ALA B 186 11.14 -11.06 30.63
N ASP B 187 11.57 -10.87 29.38
CA ASP B 187 12.68 -9.96 29.07
C ASP B 187 12.29 -8.52 29.37
N TYR B 188 11.08 -8.14 29.01
CA TYR B 188 10.65 -6.77 29.24
C TYR B 188 10.70 -6.42 30.73
N GLU B 189 10.30 -7.36 31.57
CA GLU B 189 10.25 -7.13 33.02
C GLU B 189 11.62 -7.23 33.70
N LYS B 190 12.68 -7.48 32.94
CA LYS B 190 14.02 -7.54 33.50
C LYS B 190 14.76 -6.21 33.40
N HIS B 191 14.19 -5.24 32.68
CA HIS B 191 14.88 -3.99 32.41
C HIS B 191 14.03 -2.78 32.75
N LYS B 192 14.69 -1.64 33.01
CA LYS B 192 13.99 -0.42 33.37
C LYS B 192 13.87 0.59 32.21
N VAL B 193 15.00 0.97 31.62
CA VAL B 193 15.02 2.10 30.69
C VAL B 193 14.91 1.68 29.23
N TYR B 194 13.88 2.16 28.56
CA TYR B 194 13.65 1.88 27.15
C TYR B 194 13.74 3.16 26.34
N ALA B 195 14.63 3.18 25.35
CA ALA B 195 14.87 4.43 24.63
C ALA B 195 15.05 4.23 23.14
N CYS B 196 14.54 5.20 22.39
N CYS B 196 14.49 5.13 22.34
CA CYS B 196 14.68 5.23 20.94
CA CYS B 196 14.79 5.11 20.92
C CYS B 196 15.46 6.49 20.54
C CYS B 196 15.47 6.43 20.56
N GLU B 197 16.59 6.32 19.86
CA GLU B 197 17.38 7.47 19.44
C GLU B 197 17.26 7.65 17.95
N VAL B 198 16.91 8.86 17.53
CA VAL B 198 16.62 9.17 16.14
C VAL B 198 17.64 10.14 15.54
N THR B 199 18.21 9.76 14.41
CA THR B 199 19.11 10.63 13.67
C THR B 199 18.48 10.99 12.31
N HIS B 200 18.52 12.26 11.95
CA HIS B 200 17.94 12.75 10.70
C HIS B 200 18.58 14.07 10.28
N GLN B 201 18.59 14.32 8.98
CA GLN B 201 19.11 15.57 8.40
C GLN B 201 18.60 16.83 9.08
N GLY B 202 17.31 16.86 9.36
CA GLY B 202 16.65 18.04 9.90
C GLY B 202 16.96 18.31 11.36
N LEU B 203 17.64 17.38 12.02
CA LEU B 203 17.96 17.53 13.44
C LEU B 203 19.43 17.92 13.61
N SER B 204 19.69 18.97 14.39
CA SER B 204 21.05 19.41 14.65
C SER B 204 21.84 18.32 15.36
N SER B 205 21.16 17.59 16.23
N SER B 205 21.15 17.58 16.22
CA SER B 205 21.76 16.45 16.93
CA SER B 205 21.74 16.48 16.98
C SER B 205 20.70 15.38 17.13
C SER B 205 20.69 15.38 17.16
N PRO B 206 21.13 14.12 17.34
CA PRO B 206 20.20 13.02 17.60
C PRO B 206 19.19 13.29 18.73
N VAL B 207 17.95 12.85 18.53
CA VAL B 207 16.89 13.04 19.50
C VAL B 207 16.55 11.70 20.14
N THR B 208 16.43 11.70 21.47
CA THR B 208 16.11 10.50 22.22
C THR B 208 14.78 10.64 22.95
N LYS B 209 13.93 9.63 22.83
CA LYS B 209 12.72 9.54 23.63
C LYS B 209 12.79 8.26 24.44
N SER B 210 12.43 8.34 25.70
CA SER B 210 12.55 7.17 26.56
C SER B 210 11.45 7.09 27.60
N PHE B 211 11.33 5.93 28.22
CA PHE B 211 10.46 5.74 29.38
C PHE B 211 11.05 4.70 30.30
N ASN B 212 10.61 4.70 31.55
CA ASN B 212 10.96 3.66 32.50
C ASN B 212 9.79 2.72 32.72
N ARG B 213 10.06 1.41 32.69
CA ARG B 213 9.02 0.44 32.98
C ARG B 213 8.49 0.68 34.38
N GLY B 214 7.18 0.84 34.51
CA GLY B 214 6.58 1.05 35.82
C GLY B 214 5.93 2.41 35.98
N GLU B 215 6.21 3.31 35.04
CA GLU B 215 5.68 4.66 35.12
C GLU B 215 4.21 4.76 34.74
N CYS B 216 3.75 3.85 33.87
N CYS B 216 3.76 3.85 33.88
CA CYS B 216 2.40 3.95 33.33
CA CYS B 216 2.40 3.95 33.34
C CYS B 216 1.52 2.75 33.65
C CYS B 216 1.52 2.76 33.64
N ILE B 217 0.21 3.00 33.68
CA ILE B 217 -0.80 1.97 33.86
C ILE B 217 -1.88 2.21 32.81
N ASP B 218 -2.46 1.14 32.25
CA ASP B 218 -3.56 1.29 31.30
C ASP B 218 -4.71 2.06 31.95
N ALA B 219 -5.46 2.79 31.13
CA ALA B 219 -6.52 3.71 31.60
C ALA B 219 -7.44 3.10 32.65
#